data_7B9B
#
_entry.id   7B9B
#
_cell.length_a   90.417
_cell.length_b   90.417
_cell.length_c   104.164
_cell.angle_alpha   90.000
_cell.angle_beta   90.000
_cell.angle_gamma   90.000
#
_symmetry.space_group_name_H-M   'P 41 21 2'
#
loop_
_entity.id
_entity.type
_entity.pdbx_description
1 polymer "5' exonuclease Apollo"
2 non-polymer 'NICKEL (II) ION'
3 water water
#
_entity_poly.entity_id   1
_entity_poly.type   'polypeptide(L)'
_entity_poly.pdbx_seq_one_letter_code
;MNGVLIPHTPIAVDFWSLRRAGTARLFFLSHMHSDHTVGLSSTWARPLYCSPITAHLLHRHLQVSKQWIQALEVGESHVL
PLDEIGQETMTVTLLDANHCPGSVMFLFEGYFGTILYTGDFRYTPSMLKEPALTLGKQIHTLYLDNTNCNPALVLPSRQE
AAHQIVQLIRKHPQHNIKIGLYSLGKESLLEQLALEFQTWVVLSPRRLELVQLLGLADVFTVEEKAGRIHAVDHMEICHS
NMLRWNQTHPTIAILPTSRKIHSSHPDIHVIPYSDHSSYSELRAFVAALKPCQVVPIVSRRPCGGFQDSLSPRISVPLIP
DSVQQYMSSSSRKPSAENLYFQ
;
_entity_poly.pdbx_strand_id   A
#
# COMPACT_ATOMS: atom_id res chain seq x y z
N ASN A 2 -11.54 2.79 5.25
CA ASN A 2 -10.39 2.29 5.98
C ASN A 2 -9.57 3.44 6.57
N GLY A 3 -10.12 4.66 6.47
CA GLY A 3 -9.47 5.80 7.07
C GLY A 3 -9.58 5.80 8.58
N VAL A 4 -8.63 6.48 9.23
CA VAL A 4 -8.55 6.52 10.68
C VAL A 4 -8.35 7.97 11.12
N LEU A 5 -9.29 8.50 11.89
CA LEU A 5 -9.12 9.76 12.59
C LEU A 5 -8.63 9.43 14.00
N ILE A 6 -7.38 9.75 14.28
CA ILE A 6 -6.83 9.52 15.61
C ILE A 6 -7.59 10.41 16.59
N PRO A 7 -8.27 9.82 17.58
CA PRO A 7 -9.16 10.63 18.44
C PRO A 7 -8.39 11.72 19.18
N HIS A 8 -9.03 12.90 19.27
CA HIS A 8 -8.52 14.05 20.01
C HIS A 8 -7.21 14.57 19.43
N THR A 9 -6.99 14.37 18.13
CA THR A 9 -5.85 14.90 17.41
C THR A 9 -6.33 15.43 16.07
N PRO A 10 -5.59 16.38 15.47
CA PRO A 10 -5.92 16.81 14.12
C PRO A 10 -5.23 15.93 13.08
N ILE A 11 -5.02 14.66 13.40
CA ILE A 11 -4.29 13.73 12.55
C ILE A 11 -5.29 12.86 11.80
N ALA A 12 -5.06 12.70 10.50
CA ALA A 12 -5.85 11.80 9.67
C ALA A 12 -4.90 11.03 8.76
N VAL A 13 -4.96 9.70 8.84
CA VAL A 13 -4.14 8.84 8.00
C VAL A 13 -5.07 8.10 7.05
N ASP A 14 -4.87 8.29 5.75
CA ASP A 14 -5.69 7.65 4.71
C ASP A 14 -7.16 8.01 4.84
N PHE A 15 -7.43 9.27 5.21
CA PHE A 15 -8.78 9.78 5.36
C PHE A 15 -8.89 11.12 4.65
N TRP A 16 -9.85 11.23 3.72
CA TRP A 16 -9.94 12.40 2.85
C TRP A 16 -11.40 12.84 2.65
N SER A 17 -12.25 12.64 3.66
CA SER A 17 -13.66 12.96 3.53
C SER A 17 -14.01 14.39 3.93
N LEU A 18 -13.05 15.14 4.49
CA LEU A 18 -13.28 16.52 4.91
C LEU A 18 -14.45 16.64 5.88
N ARG A 19 -15.67 16.51 5.36
CA ARG A 19 -16.85 16.73 6.19
C ARG A 19 -16.96 15.71 7.32
N ARG A 20 -16.56 14.46 7.06
CA ARG A 20 -16.55 13.45 8.11
C ARG A 20 -15.39 13.64 9.08
N ALA A 21 -14.34 14.35 8.68
CA ALA A 21 -13.21 14.61 9.58
C ALA A 21 -13.49 15.81 10.46
N GLY A 22 -13.54 17.00 9.86
CA GLY A 22 -13.82 18.22 10.60
C GLY A 22 -12.65 18.68 11.44
N THR A 23 -12.31 17.90 12.46
CA THR A 23 -11.21 18.24 13.37
C THR A 23 -9.84 18.02 12.77
N ALA A 24 -9.75 17.35 11.63
CA ALA A 24 -8.45 17.00 11.05
C ALA A 24 -7.84 18.18 10.32
N ARG A 25 -6.54 18.39 10.54
CA ARG A 25 -5.78 19.41 9.85
C ARG A 25 -4.50 18.89 9.20
N LEU A 26 -4.02 17.71 9.58
CA LEU A 26 -2.84 17.08 9.00
C LEU A 26 -3.25 15.71 8.44
N PHE A 27 -3.12 15.54 7.13
CA PHE A 27 -3.57 14.33 6.45
C PHE A 27 -2.35 13.58 5.91
N PHE A 28 -2.22 12.32 6.29
CA PHE A 28 -1.09 11.48 5.89
C PHE A 28 -1.54 10.43 4.89
N LEU A 29 -0.62 10.04 4.02
CA LEU A 29 -0.88 9.02 3.00
C LEU A 29 0.21 7.96 3.09
N SER A 30 -0.15 6.76 3.55
CA SER A 30 0.83 5.71 3.76
C SER A 30 1.30 5.11 2.44
N HIS A 31 0.39 4.89 1.51
CA HIS A 31 0.76 4.39 0.19
C HIS A 31 -0.36 4.76 -0.79
N MET A 32 -0.14 4.45 -2.07
CA MET A 32 -0.93 5.00 -3.16
C MET A 32 -1.88 3.97 -3.79
N HIS A 33 -2.42 3.05 -3.00
CA HIS A 33 -3.41 2.12 -3.53
C HIS A 33 -4.76 2.82 -3.68
N SER A 34 -5.53 2.37 -4.69
CA SER A 34 -6.78 3.02 -5.03
C SER A 34 -7.80 2.99 -3.90
N ASP A 35 -7.62 2.12 -2.91
CA ASP A 35 -8.59 1.96 -1.84
C ASP A 35 -8.41 2.96 -0.72
N HIS A 36 -7.23 3.54 -0.57
CA HIS A 36 -6.92 4.46 0.52
C HIS A 36 -6.96 5.92 0.08
N THR A 37 -7.44 6.21 -1.13
CA THR A 37 -7.40 7.57 -1.69
C THR A 37 -8.69 7.82 -2.51
N VAL A 38 -9.78 8.11 -1.81
CA VAL A 38 -11.00 8.59 -2.44
C VAL A 38 -11.36 9.94 -1.83
N GLY A 39 -11.53 10.95 -2.68
CA GLY A 39 -11.57 12.33 -2.28
C GLY A 39 -10.31 13.10 -2.62
N LEU A 40 -9.23 12.39 -2.92
CA LEU A 40 -7.99 13.02 -3.38
C LEU A 40 -8.06 13.22 -4.89
N SER A 41 -7.85 14.46 -5.33
CA SER A 41 -7.88 14.80 -6.74
C SER A 41 -7.12 16.11 -6.94
N SER A 42 -7.39 16.80 -8.05
CA SER A 42 -6.79 18.10 -8.26
C SER A 42 -7.44 19.19 -7.41
N THR A 43 -8.62 18.92 -6.85
CA THR A 43 -9.30 19.89 -6.00
C THR A 43 -8.83 19.81 -4.56
N TRP A 44 -8.00 18.84 -4.20
CA TRP A 44 -7.51 18.71 -2.84
C TRP A 44 -6.56 19.85 -2.51
N ALA A 45 -6.87 20.61 -1.47
CA ALA A 45 -6.09 21.78 -1.10
C ALA A 45 -5.95 21.87 0.42
N ARG A 46 -5.42 20.80 1.02
CA ARG A 46 -5.03 20.77 2.42
C ARG A 46 -3.74 19.98 2.53
N PRO A 47 -2.89 20.30 3.52
CA PRO A 47 -1.56 19.68 3.59
C PRO A 47 -1.62 18.16 3.62
N LEU A 48 -0.61 17.54 3.00
CA LEU A 48 -0.56 16.10 2.82
C LEU A 48 0.88 15.63 2.94
N TYR A 49 1.08 14.55 3.68
CA TYR A 49 2.41 14.00 3.95
C TYR A 49 2.47 12.55 3.48
N CYS A 50 3.49 12.22 2.70
CA CYS A 50 3.65 10.87 2.18
C CYS A 50 5.14 10.62 1.92
N SER A 51 5.45 9.46 1.37
CA SER A 51 6.83 9.05 1.14
C SER A 51 7.35 9.63 -0.17
N PRO A 52 8.68 9.53 -0.44
CA PRO A 52 9.21 10.03 -1.72
C PRO A 52 8.52 9.47 -2.95
N ILE A 53 8.58 8.15 -3.14
CA ILE A 53 7.92 7.51 -4.29
C ILE A 53 6.44 7.85 -4.29
N THR A 54 5.82 7.87 -3.12
CA THR A 54 4.40 8.20 -3.02
C THR A 54 4.12 9.63 -3.49
N ALA A 55 5.08 10.53 -3.31
CA ALA A 55 4.88 11.91 -3.74
C ALA A 55 4.83 12.02 -5.27
N HIS A 56 5.75 11.33 -5.95
CA HIS A 56 5.73 11.29 -7.40
C HIS A 56 4.41 10.71 -7.91
N LEU A 57 3.98 9.58 -7.34
CA LEU A 57 2.78 8.90 -7.81
C LEU A 57 1.53 9.72 -7.52
N LEU A 58 1.54 10.53 -6.47
CA LEU A 58 0.35 11.30 -6.10
C LEU A 58 0.14 12.46 -7.06
N HIS A 59 1.19 13.25 -7.31
CA HIS A 59 1.07 14.39 -8.21
C HIS A 59 0.78 13.94 -9.64
N ARG A 60 1.38 12.83 -10.06
CA ARG A 60 1.29 12.43 -11.46
C ARG A 60 -0.07 11.83 -11.80
N HIS A 61 -0.63 11.01 -10.90
CA HIS A 61 -1.76 10.17 -11.27
C HIS A 61 -3.10 10.61 -10.69
N LEU A 62 -3.11 11.51 -9.70
CA LEU A 62 -4.35 12.11 -9.24
C LEU A 62 -4.35 13.63 -9.46
N GLN A 63 -3.33 14.15 -10.14
CA GLN A 63 -3.22 15.58 -10.46
C GLN A 63 -3.27 16.45 -9.22
N VAL A 64 -2.83 15.92 -8.08
CA VAL A 64 -2.82 16.70 -6.83
C VAL A 64 -1.68 17.70 -6.90
N SER A 65 -1.97 18.94 -6.52
CA SER A 65 -0.97 20.00 -6.61
C SER A 65 0.21 19.71 -5.69
N LYS A 66 1.42 19.98 -6.19
CA LYS A 66 2.63 19.77 -5.41
C LYS A 66 2.73 20.71 -4.22
N GLN A 67 2.00 21.83 -4.24
CA GLN A 67 2.04 22.78 -3.13
C GLN A 67 1.44 22.21 -1.85
N TRP A 68 0.65 21.13 -1.94
CA TRP A 68 0.02 20.52 -0.78
C TRP A 68 0.68 19.22 -0.37
N ILE A 69 1.82 18.85 -1.00
CA ILE A 69 2.45 17.56 -0.76
C ILE A 69 3.81 17.73 -0.11
N GLN A 70 3.83 17.75 1.23
CA GLN A 70 5.07 17.80 1.99
C GLN A 70 5.63 16.39 2.10
N ALA A 71 6.43 16.01 1.11
CA ALA A 71 7.03 14.69 1.09
C ALA A 71 8.23 14.63 2.02
N LEU A 72 8.34 13.55 2.78
CA LEU A 72 9.39 13.40 3.78
C LEU A 72 10.14 12.11 3.53
N GLU A 73 11.44 12.11 3.85
CA GLU A 73 12.27 10.94 3.61
C GLU A 73 12.02 9.86 4.67
N VAL A 74 11.99 8.60 4.22
CA VAL A 74 11.71 7.46 5.09
C VAL A 74 12.89 7.21 6.03
N GLY A 75 12.58 6.85 7.28
CA GLY A 75 13.57 6.55 8.28
C GLY A 75 13.89 7.71 9.21
N GLU A 76 13.74 8.94 8.73
CA GLU A 76 14.07 10.12 9.51
C GLU A 76 12.82 10.67 10.19
N SER A 77 13.05 11.37 11.30
CA SER A 77 11.98 12.00 12.07
C SER A 77 11.89 13.48 11.70
N HIS A 78 10.66 13.98 11.58
CA HIS A 78 10.40 15.34 11.14
C HIS A 78 9.45 16.02 12.11
N VAL A 79 9.57 17.35 12.19
CA VAL A 79 8.82 18.16 13.14
C VAL A 79 7.69 18.84 12.39
N LEU A 80 6.44 18.49 12.73
CA LEU A 80 5.26 19.07 12.10
C LEU A 80 4.55 20.00 13.07
N PRO A 81 4.06 21.15 12.60
CA PRO A 81 3.27 22.01 13.48
C PRO A 81 1.90 21.41 13.78
N LEU A 82 1.39 21.72 14.97
CA LEU A 82 0.08 21.27 15.40
C LEU A 82 -0.88 22.42 15.70
N ASP A 83 -0.54 23.64 15.28
CA ASP A 83 -1.38 24.81 15.54
C ASP A 83 -1.01 25.89 14.53
N GLU A 84 -1.66 27.04 14.67
CA GLU A 84 -1.42 28.18 13.79
C GLU A 84 -0.32 29.09 14.32
N ILE A 85 0.12 28.90 15.56
CA ILE A 85 1.19 29.70 16.13
C ILE A 85 2.47 28.86 16.10
N GLY A 86 3.56 29.44 16.58
CA GLY A 86 4.82 28.73 16.68
C GLY A 86 4.97 28.03 18.03
N GLN A 87 4.00 27.18 18.40
CA GLN A 87 4.05 26.54 19.71
C GLN A 87 4.17 25.02 19.61
N GLU A 88 3.04 24.31 19.62
CA GLU A 88 3.03 22.86 19.70
C GLU A 88 3.48 22.24 18.39
N THR A 89 4.25 21.15 18.49
CA THR A 89 4.71 20.40 17.34
C THR A 89 4.58 18.91 17.63
N MET A 90 4.92 18.09 16.63
CA MET A 90 4.77 16.65 16.69
C MET A 90 5.78 16.02 15.75
N THR A 91 6.38 14.90 16.18
CA THR A 91 7.40 14.21 15.39
C THR A 91 6.82 12.97 14.73
N VAL A 92 7.09 12.81 13.43
CA VAL A 92 6.63 11.67 12.65
C VAL A 92 7.86 10.97 12.06
N THR A 93 7.92 9.65 12.21
CA THR A 93 8.96 8.83 11.59
C THR A 93 8.29 7.81 10.70
N LEU A 94 8.64 7.83 9.40
CA LEU A 94 8.09 6.91 8.43
C LEU A 94 9.00 5.68 8.31
N LEU A 95 8.39 4.50 8.31
CA LEU A 95 9.12 3.25 8.28
C LEU A 95 8.61 2.39 7.13
N ASP A 96 9.55 1.85 6.34
CA ASP A 96 9.19 1.07 5.16
C ASP A 96 8.26 -0.08 5.53
N ALA A 97 7.16 -0.19 4.82
CA ALA A 97 6.11 -1.15 5.16
C ALA A 97 6.23 -2.49 4.43
N ASN A 98 7.11 -2.59 3.43
CA ASN A 98 7.30 -3.81 2.64
C ASN A 98 6.03 -4.24 1.91
N HIS A 99 5.03 -3.35 1.82
CA HIS A 99 3.72 -3.67 1.27
C HIS A 99 3.66 -3.44 -0.24
N CYS A 100 4.05 -2.26 -0.70
CA CYS A 100 3.94 -1.88 -2.10
C CYS A 100 4.94 -0.76 -2.37
N PRO A 101 5.05 -0.26 -3.60
CA PRO A 101 6.00 0.84 -3.86
C PRO A 101 5.73 2.06 -2.99
N GLY A 102 6.75 2.49 -2.27
CA GLY A 102 6.66 3.69 -1.46
C GLY A 102 5.72 3.60 -0.27
N SER A 103 5.55 2.41 0.28
CA SER A 103 4.67 2.22 1.43
C SER A 103 5.45 2.44 2.72
N VAL A 104 4.78 3.05 3.71
CA VAL A 104 5.43 3.44 4.96
C VAL A 104 4.52 3.17 6.15
N MET A 105 5.13 3.13 7.33
CA MET A 105 4.42 3.08 8.60
C MET A 105 4.69 4.38 9.36
N PHE A 106 3.62 5.03 9.82
CA PHE A 106 3.74 6.29 10.53
C PHE A 106 3.90 6.06 12.03
N LEU A 107 4.88 6.74 12.62
CA LEU A 107 5.16 6.67 14.05
C LEU A 107 5.06 8.10 14.61
N PHE A 108 3.98 8.38 15.33
CA PHE A 108 3.71 9.72 15.83
C PHE A 108 4.19 9.86 17.28
N GLU A 109 4.57 11.09 17.64
CA GLU A 109 4.99 11.45 18.99
C GLU A 109 4.44 12.82 19.34
N GLY A 110 3.78 12.93 20.47
CA GLY A 110 3.24 14.21 20.88
C GLY A 110 2.43 14.11 22.15
N TYR A 111 1.57 15.12 22.36
CA TYR A 111 0.74 15.17 23.57
C TYR A 111 -0.20 13.97 23.66
N PHE A 112 -0.49 13.31 22.54
CA PHE A 112 -1.34 12.14 22.50
C PHE A 112 -0.62 10.86 22.91
N GLY A 113 0.70 10.92 23.12
CA GLY A 113 1.48 9.74 23.42
C GLY A 113 2.40 9.35 22.27
N THR A 114 2.64 8.05 22.12
CA THR A 114 3.42 7.51 21.00
C THR A 114 2.58 6.50 20.26
N ILE A 115 2.12 6.86 19.06
CA ILE A 115 1.21 6.04 18.26
C ILE A 115 1.97 5.51 17.05
N LEU A 116 1.82 4.23 16.77
CA LEU A 116 2.41 3.60 15.60
C LEU A 116 1.29 3.12 14.68
N TYR A 117 1.26 3.67 13.47
CA TYR A 117 0.26 3.33 12.45
C TYR A 117 0.96 2.50 11.38
N THR A 118 0.63 1.20 11.32
CA THR A 118 1.28 0.30 10.38
C THR A 118 0.67 0.33 8.99
N GLY A 119 -0.58 0.79 8.85
CA GLY A 119 -1.24 0.76 7.56
C GLY A 119 -1.27 -0.65 7.00
N ASP A 120 -1.08 -0.76 5.69
CA ASP A 120 -0.81 -2.03 5.06
C ASP A 120 0.69 -2.29 5.10
N PHE A 121 1.09 -3.46 5.59
CA PHE A 121 2.52 -3.74 5.69
C PHE A 121 2.75 -5.24 5.71
N ARG A 122 3.86 -5.65 5.10
CA ARG A 122 4.32 -7.04 5.11
C ARG A 122 5.47 -7.15 6.11
N TYR A 123 5.32 -8.02 7.10
CA TYR A 123 6.34 -8.16 8.14
C TYR A 123 7.53 -8.94 7.62
N THR A 124 8.72 -8.48 8.01
CA THR A 124 9.97 -9.21 7.84
C THR A 124 10.83 -8.74 9.00
N PRO A 125 11.63 -9.62 9.60
CA PRO A 125 12.40 -9.22 10.80
C PRO A 125 13.35 -8.06 10.59
N SER A 126 13.59 -7.65 9.34
CA SER A 126 14.37 -6.42 9.10
C SER A 126 13.69 -5.21 9.71
N MET A 127 12.36 -5.27 9.91
CA MET A 127 11.61 -4.12 10.39
C MET A 127 11.88 -3.83 11.86
N LEU A 128 12.13 -4.88 12.66
CA LEU A 128 12.39 -4.66 14.08
C LEU A 128 13.70 -3.91 14.30
N LYS A 129 14.66 -4.05 13.40
CA LYS A 129 15.97 -3.44 13.54
C LYS A 129 15.98 -1.96 13.17
N GLU A 130 14.81 -1.34 13.01
CA GLU A 130 14.74 0.07 12.66
C GLU A 130 15.15 0.94 13.84
N PRO A 131 15.99 1.96 13.63
CA PRO A 131 16.42 2.81 14.76
C PRO A 131 15.28 3.57 15.43
N ALA A 132 14.13 3.71 14.77
CA ALA A 132 13.01 4.41 15.39
C ALA A 132 12.37 3.58 16.48
N LEU A 133 12.38 2.26 16.34
CA LEU A 133 11.72 1.36 17.27
C LEU A 133 12.70 0.61 18.18
N THR A 134 14.00 0.90 18.07
CA THR A 134 15.00 0.23 18.88
C THR A 134 15.58 1.13 19.97
N LEU A 135 14.99 2.31 20.19
CA LEU A 135 15.40 3.17 21.29
C LEU A 135 14.64 2.86 22.58
N GLY A 136 13.89 1.76 22.61
CA GLY A 136 13.12 1.41 23.79
C GLY A 136 11.94 2.31 24.06
N LYS A 137 11.43 2.99 23.05
CA LYS A 137 10.27 3.86 23.26
C LYS A 137 9.02 3.03 23.47
N GLN A 138 8.17 3.48 24.40
CA GLN A 138 6.95 2.77 24.73
C GLN A 138 5.83 3.29 23.81
N ILE A 139 5.42 2.45 22.86
CA ILE A 139 4.29 2.79 22.01
C ILE A 139 3.01 2.66 22.82
N HIS A 140 2.20 3.72 22.82
CA HIS A 140 0.96 3.71 23.58
C HIS A 140 -0.21 3.10 22.82
N THR A 141 -0.21 3.21 21.49
CA THR A 141 -1.30 2.67 20.68
C THR A 141 -0.74 2.18 19.36
N LEU A 142 -1.08 0.95 18.98
CA LEU A 142 -0.63 0.37 17.72
C LEU A 142 -1.85 0.10 16.85
N TYR A 143 -2.13 1.01 15.93
CA TYR A 143 -3.14 0.78 14.90
C TYR A 143 -2.58 -0.23 13.89
N LEU A 144 -2.89 -1.50 14.09
CA LEU A 144 -2.18 -2.58 13.41
C LEU A 144 -2.98 -3.13 12.24
N ASP A 145 -2.27 -3.55 11.21
CA ASP A 145 -2.85 -4.29 10.09
C ASP A 145 -3.26 -5.67 10.57
N ASN A 146 -4.56 -5.91 10.64
CA ASN A 146 -5.11 -7.20 11.09
C ASN A 146 -5.81 -7.94 9.96
N THR A 147 -5.33 -7.76 8.73
CA THR A 147 -6.02 -8.32 7.57
C THR A 147 -6.07 -9.85 7.64
N ASN A 148 -4.93 -10.48 7.92
CA ASN A 148 -4.86 -11.93 8.02
C ASN A 148 -5.06 -12.44 9.45
N CYS A 149 -5.61 -11.61 10.33
CA CYS A 149 -5.92 -12.05 11.68
C CYS A 149 -7.32 -12.64 11.78
N ASN A 150 -8.17 -12.43 10.78
CA ASN A 150 -9.49 -13.03 10.81
C ASN A 150 -9.35 -14.55 10.72
N PRO A 151 -10.11 -15.31 11.51
CA PRO A 151 -10.03 -16.78 11.43
C PRO A 151 -10.85 -17.40 10.31
N ALA A 152 -11.33 -16.62 9.34
CA ALA A 152 -12.13 -17.17 8.24
C ALA A 152 -11.30 -18.01 7.28
N LEU A 153 -10.98 -17.46 6.10
CA LEU A 153 -10.39 -18.20 5.00
C LEU A 153 -8.88 -17.98 4.97
N VAL A 154 -8.14 -19.06 4.77
CA VAL A 154 -6.68 -19.02 4.81
C VAL A 154 -6.14 -18.63 3.44
N LEU A 155 -5.37 -17.57 3.39
CA LEU A 155 -4.69 -17.17 2.17
C LEU A 155 -3.21 -17.51 2.25
N PRO A 156 -2.63 -18.07 1.18
CA PRO A 156 -1.21 -18.36 1.20
C PRO A 156 -0.39 -17.09 1.19
N SER A 157 0.90 -17.24 1.47
CA SER A 157 1.81 -16.10 1.51
C SER A 157 2.03 -15.56 0.09
N ARG A 158 2.89 -14.55 -0.01
CA ARG A 158 3.21 -13.96 -1.30
C ARG A 158 4.06 -14.90 -2.14
N GLN A 159 4.90 -15.71 -1.50
CA GLN A 159 5.77 -16.63 -2.21
C GLN A 159 5.06 -17.92 -2.59
N GLU A 160 4.13 -18.39 -1.75
CA GLU A 160 3.32 -19.55 -2.11
C GLU A 160 2.52 -19.29 -3.39
N ALA A 161 1.92 -18.10 -3.49
CA ALA A 161 1.10 -17.78 -4.65
C ALA A 161 1.94 -17.63 -5.90
N ALA A 162 3.14 -17.05 -5.77
CA ALA A 162 4.03 -16.92 -6.91
C ALA A 162 4.49 -18.28 -7.43
N HIS A 163 4.62 -19.27 -6.53
CA HIS A 163 4.96 -20.61 -6.97
C HIS A 163 3.86 -21.21 -7.82
N GLN A 164 2.60 -21.05 -7.40
CA GLN A 164 1.48 -21.58 -8.16
C GLN A 164 1.37 -20.92 -9.53
N ILE A 165 1.72 -19.63 -9.62
CA ILE A 165 1.65 -18.93 -10.90
C ILE A 165 2.68 -19.51 -11.86
N VAL A 166 3.89 -19.82 -11.36
CA VAL A 166 4.92 -20.36 -12.23
C VAL A 166 4.58 -21.76 -12.69
N GLN A 167 4.04 -22.59 -11.78
CA GLN A 167 3.57 -23.91 -12.17
C GLN A 167 2.49 -23.81 -13.25
N LEU A 168 1.64 -22.78 -13.16
CA LEU A 168 0.56 -22.63 -14.12
C LEU A 168 1.09 -22.31 -15.51
N ILE A 169 1.98 -21.33 -15.61
CA ILE A 169 2.56 -20.99 -16.91
C ILE A 169 3.51 -22.07 -17.39
N ARG A 170 4.08 -22.87 -16.48
CA ARG A 170 4.92 -23.99 -16.90
C ARG A 170 4.11 -25.02 -17.66
N LYS A 171 2.85 -25.22 -17.27
CA LYS A 171 1.99 -26.20 -17.94
C LYS A 171 1.41 -25.67 -19.24
N HIS A 172 1.53 -24.38 -19.51
CA HIS A 172 0.97 -23.77 -20.73
C HIS A 172 2.07 -23.01 -21.46
N PRO A 173 3.05 -23.72 -22.02
CA PRO A 173 4.17 -23.04 -22.69
C PRO A 173 3.78 -22.36 -24.00
N GLN A 174 2.72 -22.82 -24.66
CA GLN A 174 2.29 -22.26 -25.93
C GLN A 174 1.14 -21.27 -25.77
N HIS A 175 0.99 -20.69 -24.59
CA HIS A 175 -0.15 -19.83 -24.29
C HIS A 175 0.29 -18.39 -24.05
N ASN A 176 -0.59 -17.46 -24.43
CA ASN A 176 -0.47 -16.08 -23.97
C ASN A 176 -1.02 -15.98 -22.56
N ILE A 177 -0.29 -15.30 -21.69
CA ILE A 177 -0.66 -15.18 -20.28
C ILE A 177 -1.09 -13.74 -20.01
N LYS A 178 -2.30 -13.58 -19.46
CA LYS A 178 -2.82 -12.29 -19.04
C LYS A 178 -2.83 -12.24 -17.52
N ILE A 179 -2.27 -11.17 -16.97
CA ILE A 179 -2.15 -11.01 -15.52
C ILE A 179 -2.85 -9.71 -15.13
N GLY A 180 -3.89 -9.83 -14.31
CA GLY A 180 -4.67 -8.69 -13.88
C GLY A 180 -4.16 -8.14 -12.58
N LEU A 181 -3.94 -6.83 -12.53
CA LEU A 181 -3.36 -6.19 -11.36
C LEU A 181 -4.15 -4.93 -11.02
N TYR A 182 -3.85 -4.37 -9.85
CA TYR A 182 -4.31 -3.04 -9.49
C TYR A 182 -3.28 -2.02 -9.99
N SER A 183 -3.50 -0.75 -9.64
CA SER A 183 -2.61 0.29 -10.14
C SER A 183 -1.21 0.22 -9.54
N LEU A 184 -1.05 -0.48 -8.42
CA LEU A 184 0.23 -0.52 -7.72
C LEU A 184 0.47 -1.90 -7.16
N GLY A 185 1.75 -2.20 -6.92
CA GLY A 185 2.15 -3.46 -6.33
C GLY A 185 2.38 -4.55 -7.36
N LYS A 186 3.03 -5.62 -6.89
CA LYS A 186 3.25 -6.84 -7.67
C LYS A 186 4.10 -6.61 -8.92
N GLU A 187 4.94 -5.57 -8.92
CA GLU A 187 5.84 -5.35 -10.04
C GLU A 187 7.07 -6.25 -9.96
N SER A 188 7.57 -6.49 -8.74
CA SER A 188 8.68 -7.42 -8.57
C SER A 188 8.28 -8.83 -8.98
N LEU A 189 7.00 -9.20 -8.84
CA LEU A 189 6.55 -10.50 -9.32
C LEU A 189 6.62 -10.59 -10.83
N LEU A 190 6.26 -9.50 -11.52
CA LEU A 190 6.44 -9.45 -12.97
C LEU A 190 7.89 -9.69 -13.34
N GLU A 191 8.82 -9.13 -12.56
CA GLU A 191 10.24 -9.32 -12.81
C GLU A 191 10.62 -10.79 -12.72
N GLN A 192 10.12 -11.49 -11.69
CA GLN A 192 10.41 -12.90 -11.51
C GLN A 192 9.90 -13.78 -12.64
N LEU A 193 8.85 -13.34 -13.35
CA LEU A 193 8.33 -14.12 -14.47
C LEU A 193 9.11 -13.88 -15.74
N ALA A 194 9.66 -12.67 -15.93
CA ALA A 194 10.53 -12.43 -17.07
C ALA A 194 11.84 -13.21 -16.94
N LEU A 195 12.29 -13.46 -15.71
CA LEU A 195 13.50 -14.25 -15.53
C LEU A 195 13.22 -15.73 -15.75
N GLU A 196 12.20 -16.27 -15.08
CA GLU A 196 11.95 -17.70 -15.14
C GLU A 196 11.57 -18.15 -16.55
N PHE A 197 10.85 -17.31 -17.28
CA PHE A 197 10.36 -17.67 -18.61
C PHE A 197 11.12 -16.99 -19.74
N GLN A 198 12.11 -16.15 -19.43
CA GLN A 198 13.00 -15.56 -20.43
C GLN A 198 12.21 -14.88 -21.54
N THR A 199 11.27 -14.03 -21.14
CA THR A 199 10.48 -13.25 -22.08
C THR A 199 10.44 -11.81 -21.62
N TRP A 200 10.03 -10.93 -22.52
CA TRP A 200 9.71 -9.56 -22.18
C TRP A 200 8.25 -9.49 -21.76
N VAL A 201 7.97 -8.68 -20.74
CA VAL A 201 6.62 -8.54 -20.18
C VAL A 201 5.99 -7.28 -20.75
N VAL A 202 4.77 -7.40 -21.24
CA VAL A 202 4.08 -6.31 -21.91
C VAL A 202 3.24 -5.54 -20.90
N LEU A 203 3.39 -4.21 -20.88
CA LEU A 203 2.68 -3.34 -19.95
C LEU A 203 1.95 -2.24 -20.71
N SER A 204 1.14 -1.49 -19.98
CA SER A 204 0.58 -0.26 -20.48
C SER A 204 1.59 0.86 -20.28
N PRO A 205 1.46 1.97 -21.03
CA PRO A 205 2.43 3.07 -20.86
C PRO A 205 2.50 3.58 -19.44
N ARG A 206 1.36 3.74 -18.77
CA ARG A 206 1.38 4.17 -17.37
C ARG A 206 2.17 3.19 -16.50
N ARG A 207 1.95 1.88 -16.70
CA ARG A 207 2.66 0.90 -15.89
C ARG A 207 4.15 0.92 -16.19
N LEU A 208 4.52 1.17 -17.46
CA LEU A 208 5.92 1.30 -17.81
C LEU A 208 6.57 2.46 -17.06
N GLU A 209 5.82 3.55 -16.86
CA GLU A 209 6.37 4.68 -16.12
C GLU A 209 6.60 4.34 -14.65
N LEU A 210 5.66 3.61 -14.04
CA LEU A 210 5.85 3.18 -12.66
C LEU A 210 7.11 2.34 -12.51
N VAL A 211 7.33 1.41 -13.44
CA VAL A 211 8.45 0.48 -13.32
C VAL A 211 9.78 1.21 -13.43
N GLN A 212 9.92 2.09 -14.42
CA GLN A 212 11.15 2.86 -14.56
C GLN A 212 11.35 3.80 -13.38
N LEU A 213 10.26 4.25 -12.76
CA LEU A 213 10.37 5.04 -11.54
C LEU A 213 10.97 4.23 -10.40
N LEU A 214 10.76 2.91 -10.39
CA LEU A 214 11.22 2.09 -9.29
C LEU A 214 12.66 1.63 -9.45
N GLY A 215 13.18 1.64 -10.67
CA GLY A 215 14.52 1.16 -10.92
C GLY A 215 14.60 -0.35 -11.08
N LEU A 216 13.60 -0.95 -11.71
CA LEU A 216 13.62 -2.39 -11.97
C LEU A 216 14.43 -2.68 -13.23
N ALA A 217 14.68 -3.96 -13.46
CA ALA A 217 15.45 -4.39 -14.61
C ALA A 217 14.73 -4.03 -15.91
N ASP A 218 15.51 -3.89 -16.98
CA ASP A 218 14.96 -3.55 -18.29
C ASP A 218 14.46 -4.84 -18.96
N VAL A 219 13.37 -5.36 -18.39
CA VAL A 219 12.73 -6.57 -18.91
C VAL A 219 11.31 -6.30 -19.36
N PHE A 220 10.95 -5.03 -19.53
CA PHE A 220 9.58 -4.63 -19.83
C PHE A 220 9.51 -3.91 -21.18
N THR A 221 8.32 -3.93 -21.78
CA THR A 221 8.08 -3.30 -23.07
C THR A 221 6.59 -3.07 -23.23
N VAL A 222 6.24 -2.28 -24.24
CA VAL A 222 4.85 -1.98 -24.55
C VAL A 222 4.42 -2.55 -25.90
N GLU A 223 5.34 -3.09 -26.69
CA GLU A 223 4.98 -3.73 -27.95
C GLU A 223 4.32 -5.07 -27.66
N GLU A 224 3.10 -5.25 -28.18
CA GLU A 224 2.31 -6.42 -27.81
C GLU A 224 2.97 -7.72 -28.25
N LYS A 225 3.63 -7.72 -29.41
CA LYS A 225 4.20 -8.95 -29.97
C LYS A 225 5.57 -9.29 -29.39
N ALA A 226 6.01 -8.62 -28.33
CA ALA A 226 7.36 -8.81 -27.81
C ALA A 226 7.46 -9.87 -26.73
N GLY A 227 6.34 -10.43 -26.28
CA GLY A 227 6.39 -11.42 -25.23
C GLY A 227 5.05 -12.08 -25.03
N ARG A 228 5.09 -13.23 -24.35
CA ARG A 228 3.91 -14.06 -24.10
C ARG A 228 3.20 -13.71 -22.80
N ILE A 229 3.74 -12.80 -22.00
CA ILE A 229 3.17 -12.44 -20.70
C ILE A 229 2.79 -10.97 -20.75
N HIS A 230 1.49 -10.69 -20.76
CA HIS A 230 0.97 -9.32 -20.76
C HIS A 230 0.37 -8.99 -19.40
N ALA A 231 0.67 -7.80 -18.91
CA ALA A 231 0.10 -7.31 -17.66
C ALA A 231 -1.02 -6.33 -17.98
N VAL A 232 -2.22 -6.60 -17.46
CA VAL A 232 -3.41 -5.83 -17.77
C VAL A 232 -4.12 -5.46 -16.47
N ASP A 233 -5.09 -4.57 -16.58
CA ASP A 233 -5.89 -4.18 -15.42
C ASP A 233 -6.79 -5.34 -14.99
N HIS A 234 -7.01 -5.47 -13.68
CA HIS A 234 -7.74 -6.62 -13.18
C HIS A 234 -9.19 -6.63 -13.65
N MET A 235 -9.77 -5.46 -13.89
CA MET A 235 -11.12 -5.39 -14.41
C MET A 235 -11.22 -5.83 -15.86
N GLU A 236 -10.09 -6.11 -16.52
CA GLU A 236 -10.14 -6.63 -17.89
C GLU A 236 -10.40 -8.12 -17.92
N ILE A 237 -10.03 -8.84 -16.85
CA ILE A 237 -10.14 -10.29 -16.81
C ILE A 237 -11.60 -10.64 -16.58
N CYS A 238 -12.32 -10.96 -17.66
CA CYS A 238 -13.71 -11.34 -17.56
C CYS A 238 -14.03 -12.33 -18.68
N HIS A 239 -15.21 -12.94 -18.58
CA HIS A 239 -15.60 -14.00 -19.51
C HIS A 239 -15.64 -13.50 -20.95
N SER A 240 -16.14 -12.28 -21.16
CA SER A 240 -16.19 -11.73 -22.51
C SER A 240 -14.80 -11.62 -23.11
N ASN A 241 -13.85 -11.12 -22.32
CA ASN A 241 -12.52 -10.85 -22.86
C ASN A 241 -11.72 -12.13 -23.10
N MET A 242 -12.01 -13.20 -22.35
CA MET A 242 -11.34 -14.46 -22.61
C MET A 242 -11.65 -14.95 -24.02
N LEU A 243 -12.92 -14.94 -24.40
CA LEU A 243 -13.29 -15.33 -25.76
C LEU A 243 -12.63 -14.42 -26.79
N ARG A 244 -12.51 -13.12 -26.47
CA ARG A 244 -11.87 -12.20 -27.40
C ARG A 244 -10.39 -12.54 -27.58
N TRP A 245 -9.68 -12.83 -26.49
CA TRP A 245 -8.28 -13.21 -26.60
C TRP A 245 -8.13 -14.61 -27.23
N ASN A 246 -8.97 -15.55 -26.81
CA ASN A 246 -8.86 -16.91 -27.33
C ASN A 246 -9.22 -17.00 -28.82
N GLN A 247 -9.89 -15.98 -29.37
CA GLN A 247 -10.12 -15.96 -30.80
C GLN A 247 -8.82 -15.74 -31.58
N THR A 248 -7.85 -15.08 -30.96
CA THR A 248 -6.56 -14.79 -31.61
C THR A 248 -5.52 -15.86 -31.30
N HIS A 249 -5.19 -16.04 -30.02
CA HIS A 249 -4.17 -16.96 -29.58
C HIS A 249 -4.66 -17.64 -28.30
N PRO A 250 -4.39 -18.94 -28.13
CA PRO A 250 -4.80 -19.63 -26.91
C PRO A 250 -4.26 -18.94 -25.65
N THR A 251 -5.15 -18.29 -24.91
CA THR A 251 -4.78 -17.38 -23.85
C THR A 251 -5.23 -17.91 -22.49
N ILE A 252 -4.36 -17.76 -21.50
CA ILE A 252 -4.69 -18.03 -20.10
C ILE A 252 -4.66 -16.70 -19.35
N ALA A 253 -5.58 -16.54 -18.39
CA ALA A 253 -5.65 -15.34 -17.57
C ALA A 253 -5.46 -15.70 -16.11
N ILE A 254 -4.70 -14.87 -15.39
CA ILE A 254 -4.38 -15.10 -13.99
C ILE A 254 -4.81 -13.88 -13.19
N LEU A 255 -5.53 -14.13 -12.09
CA LEU A 255 -6.02 -13.06 -11.21
C LEU A 255 -5.45 -13.23 -9.82
N PRO A 256 -4.36 -12.54 -9.49
CA PRO A 256 -3.85 -12.56 -8.11
C PRO A 256 -4.66 -11.61 -7.24
N THR A 257 -5.50 -12.18 -6.38
CA THR A 257 -6.37 -11.39 -5.52
C THR A 257 -6.38 -11.98 -4.13
N SER A 258 -6.75 -11.14 -3.15
CA SER A 258 -6.82 -11.55 -1.76
C SER A 258 -8.26 -11.75 -1.29
N ARG A 259 -9.19 -11.92 -2.22
CA ARG A 259 -10.60 -12.07 -1.89
C ARG A 259 -11.15 -13.36 -2.48
N LYS A 260 -12.31 -13.77 -1.98
CA LYS A 260 -12.99 -14.96 -2.48
C LYS A 260 -13.65 -14.62 -3.81
N ILE A 261 -13.14 -15.21 -4.89
CA ILE A 261 -13.63 -14.97 -6.25
C ILE A 261 -13.71 -16.30 -6.97
N HIS A 262 -14.83 -16.54 -7.64
CA HIS A 262 -15.02 -17.73 -8.45
C HIS A 262 -14.66 -17.40 -9.90
N SER A 263 -13.82 -18.23 -10.51
CA SER A 263 -13.42 -18.00 -11.89
C SER A 263 -14.63 -18.13 -12.81
N SER A 264 -14.96 -17.05 -13.51
CA SER A 264 -16.07 -17.03 -14.45
C SER A 264 -15.69 -17.57 -15.82
N HIS A 265 -14.62 -18.35 -15.91
CA HIS A 265 -14.13 -18.95 -17.15
C HIS A 265 -13.11 -20.01 -16.80
N PRO A 266 -13.06 -21.14 -17.53
CA PRO A 266 -12.06 -22.17 -17.20
C PRO A 266 -10.63 -21.69 -17.35
N ASP A 267 -10.34 -20.86 -18.36
CA ASP A 267 -8.99 -20.37 -18.58
C ASP A 267 -8.63 -19.17 -17.71
N ILE A 268 -9.49 -18.80 -16.76
CA ILE A 268 -9.17 -17.78 -15.77
C ILE A 268 -8.83 -18.49 -14.47
N HIS A 269 -7.64 -18.25 -13.96
CA HIS A 269 -7.18 -18.86 -12.71
C HIS A 269 -7.08 -17.80 -11.64
N VAL A 270 -7.96 -17.86 -10.64
CA VAL A 270 -7.90 -16.95 -9.51
C VAL A 270 -6.88 -17.50 -8.53
N ILE A 271 -5.79 -16.77 -8.35
CA ILE A 271 -4.72 -17.15 -7.42
C ILE A 271 -4.85 -16.30 -6.16
N PRO A 272 -4.98 -16.91 -4.99
CA PRO A 272 -5.08 -16.12 -3.76
C PRO A 272 -3.75 -15.49 -3.35
N TYR A 273 -3.68 -14.17 -3.44
CA TYR A 273 -2.58 -13.39 -2.88
C TYR A 273 -2.95 -12.94 -1.47
N SER A 274 -1.98 -12.33 -0.79
CA SER A 274 -2.23 -11.82 0.55
C SER A 274 -1.70 -10.40 0.72
N ASP A 275 -0.39 -10.23 0.57
CA ASP A 275 0.32 -8.95 0.65
C ASP A 275 0.27 -8.32 2.04
N HIS A 276 -0.24 -9.01 3.05
CA HIS A 276 -0.21 -8.55 4.42
C HIS A 276 0.50 -9.59 5.27
N SER A 277 0.85 -9.20 6.50
CA SER A 277 1.55 -10.09 7.40
C SER A 277 0.65 -11.23 7.84
N SER A 278 1.24 -12.40 8.06
CA SER A 278 0.49 -13.51 8.60
C SER A 278 0.24 -13.29 10.09
N TYR A 279 -0.65 -14.10 10.66
CA TYR A 279 -1.01 -13.95 12.06
C TYR A 279 0.20 -14.16 12.96
N SER A 280 0.98 -15.22 12.70
CA SER A 280 2.14 -15.49 13.54
C SER A 280 3.23 -14.44 13.35
N GLU A 281 3.33 -13.86 12.16
CA GLU A 281 4.28 -12.76 11.96
C GLU A 281 3.89 -11.56 12.82
N LEU A 282 2.59 -11.25 12.90
CA LEU A 282 2.13 -10.13 13.71
C LEU A 282 2.31 -10.41 15.19
N ARG A 283 1.98 -11.63 15.64
CA ARG A 283 2.11 -11.98 17.05
C ARG A 283 3.57 -11.92 17.52
N ALA A 284 4.53 -12.10 16.61
CA ALA A 284 5.92 -11.84 16.95
C ALA A 284 6.28 -10.37 16.78
N PHE A 285 5.52 -9.63 15.96
CA PHE A 285 5.74 -8.20 15.79
C PHE A 285 5.23 -7.42 16.99
N VAL A 286 4.14 -7.89 17.60
CA VAL A 286 3.61 -7.21 18.78
C VAL A 286 4.39 -7.62 20.03
N ALA A 287 4.85 -8.87 20.09
CA ALA A 287 5.64 -9.32 21.22
C ALA A 287 6.99 -8.61 21.29
N ALA A 288 7.45 -8.02 20.20
CA ALA A 288 8.69 -7.26 20.20
C ALA A 288 8.46 -5.80 20.56
N LEU A 289 7.39 -5.21 20.03
CA LEU A 289 7.12 -3.79 20.29
C LEU A 289 6.67 -3.57 21.73
N LYS A 290 5.92 -4.52 22.28
CA LYS A 290 5.32 -4.39 23.61
C LYS A 290 4.46 -3.12 23.71
N PRO A 291 3.47 -2.94 22.84
CA PRO A 291 2.67 -1.71 22.90
C PRO A 291 1.66 -1.78 24.03
N CYS A 292 1.32 -0.59 24.56
CA CYS A 292 0.34 -0.54 25.63
C CYS A 292 -1.01 -1.10 25.19
N GLN A 293 -1.46 -0.73 23.99
CA GLN A 293 -2.68 -1.28 23.44
C GLN A 293 -2.54 -1.40 21.93
N VAL A 294 -3.30 -2.33 21.36
CA VAL A 294 -3.33 -2.57 19.92
C VAL A 294 -4.74 -2.28 19.42
N VAL A 295 -4.84 -1.51 18.35
CA VAL A 295 -6.11 -1.13 17.75
C VAL A 295 -6.14 -1.67 16.33
N PRO A 296 -7.22 -2.34 15.89
CA PRO A 296 -7.28 -2.84 14.52
C PRO A 296 -7.64 -1.72 13.54
N ILE A 297 -7.49 -2.05 12.25
CA ILE A 297 -7.86 -1.12 11.19
C ILE A 297 -8.82 -1.80 10.22
N ILE A 314 -11.12 4.82 23.83
CA ILE A 314 -9.78 4.66 24.39
C ILE A 314 -9.33 5.94 25.09
N SER A 315 -8.11 5.92 25.63
CA SER A 315 -7.63 7.01 26.48
C SER A 315 -7.67 8.35 25.75
N VAL A 316 -8.17 9.36 26.44
CA VAL A 316 -8.32 10.72 25.90
C VAL A 316 -7.15 11.56 26.41
N PRO A 317 -6.35 12.14 25.52
CA PRO A 317 -5.19 12.94 25.97
C PRO A 317 -5.63 14.32 26.42
N LEU A 318 -4.63 15.14 26.76
CA LEU A 318 -4.86 16.53 27.17
C LEU A 318 -4.49 17.42 25.99
N ILE A 319 -5.51 17.88 25.27
CA ILE A 319 -5.27 18.70 24.07
C ILE A 319 -4.77 20.08 24.50
N PRO A 320 -3.66 20.57 23.98
CA PRO A 320 -3.19 21.91 24.35
C PRO A 320 -4.17 22.99 23.91
N ASP A 321 -3.95 24.20 24.43
CA ASP A 321 -4.83 25.32 24.09
C ASP A 321 -4.73 25.69 22.62
N SER A 322 -3.51 25.76 22.09
CA SER A 322 -3.34 26.17 20.69
C SER A 322 -3.79 25.11 19.71
N VAL A 323 -3.85 23.84 20.13
CA VAL A 323 -4.28 22.78 19.23
C VAL A 323 -5.80 22.66 19.20
N GLN A 324 -6.48 22.98 20.30
CA GLN A 324 -7.94 22.91 20.31
C GLN A 324 -8.56 23.94 19.37
N GLN A 325 -7.89 25.08 19.17
CA GLN A 325 -8.35 26.07 18.21
C GLN A 325 -8.08 25.63 16.78
N TYR A 326 -6.91 25.02 16.54
CA TYR A 326 -6.54 24.54 15.21
C TYR A 326 -7.60 23.59 14.65
N MET A 327 -8.19 22.76 15.51
CA MET A 327 -9.18 21.77 15.08
C MET A 327 -10.53 22.37 14.73
N SER A 328 -10.88 23.53 15.29
CA SER A 328 -12.19 24.14 15.07
C SER A 328 -11.98 25.48 14.36
N SER A 329 -12.25 25.49 13.06
CA SER A 329 -12.11 26.72 12.27
C SER A 329 -13.26 26.86 11.28
#